data_7TLX
#
_entry.id   7TLX
#
_cell.length_a   79.730
_cell.length_b   30.170
_cell.length_c   49.100
_cell.angle_alpha   90.000
_cell.angle_beta   121.560
_cell.angle_gamma   90.000
#
_symmetry.space_group_name_H-M   'C 1 2 1'
#
loop_
_entity.id
_entity.type
_entity.pdbx_description
1 polymer 'C-type cytochrome'
2 non-polymer 'HEME C'
3 water water
#
_entity_poly.entity_id   1
_entity_poly.type   'polypeptide(L)'
_entity_poly.pdbx_seq_one_letter_code
;DNCDPENGKKVYQICSVCHSNDTTGVHGAAAPNLHGLEGRKVGSVPGFKFSSALRDSGDTWTPQHLDKFLENPMAVYPLT
RMAFSGLKNEKDRRDVLCFLSKSSN
;
_entity_poly.pdbx_strand_id   1
#
# COMPACT_ATOMS: atom_id res chain seq x y z
N CYS A 3 18.08 -0.96 0.34
CA CYS A 3 16.83 -1.72 0.16
C CYS A 3 17.06 -3.10 -0.48
N ASP A 4 16.57 -4.12 0.23
CA ASP A 4 16.57 -5.52 -0.13
C ASP A 4 15.20 -5.94 -0.63
N PRO A 5 14.94 -5.92 -1.94
CA PRO A 5 13.64 -6.39 -2.43
C PRO A 5 13.36 -7.85 -2.10
N GLU A 6 14.39 -8.65 -1.80
CA GLU A 6 14.17 -10.05 -1.42
C GLU A 6 13.52 -10.13 -0.05
N ASN A 7 14.07 -9.43 0.94
CA ASN A 7 13.38 -9.30 2.22
C ASN A 7 12.02 -8.65 2.04
N GLY A 8 11.92 -7.69 1.10
CA GLY A 8 10.66 -7.00 0.87
C GLY A 8 9.56 -7.95 0.45
N LYS A 9 9.88 -8.90 -0.43
CA LYS A 9 8.90 -9.88 -0.88
C LYS A 9 8.39 -10.73 0.29
N LYS A 10 9.30 -11.07 1.21
CA LYS A 10 8.90 -11.79 2.41
C LYS A 10 8.02 -10.92 3.30
N VAL A 11 8.45 -9.67 3.55
CA VAL A 11 7.61 -8.75 4.33
C VAL A 11 6.23 -8.63 3.70
N TYR A 12 6.16 -8.59 2.37
CA TYR A 12 4.92 -8.37 1.66
C TYR A 12 3.90 -9.49 1.88
N GLN A 13 4.33 -10.64 2.37
CA GLN A 13 3.39 -11.71 2.62
C GLN A 13 2.32 -11.28 3.60
N ILE A 14 2.62 -10.31 4.47
CA ILE A 14 1.60 -9.81 5.39
C ILE A 14 0.50 -9.00 4.67
N CYS A 15 0.80 -8.44 3.50
CA CYS A 15 -0.18 -7.66 2.77
C CYS A 15 -1.00 -8.50 1.81
N SER A 16 -0.56 -9.72 1.48
CA SER A 16 -1.03 -10.40 0.30
C SER A 16 -2.28 -11.23 0.51
N VAL A 17 -2.83 -11.29 1.72
CA VAL A 17 -4.16 -11.90 1.85
C VAL A 17 -5.24 -10.88 1.55
N CYS A 18 -5.04 -9.64 2.03
CA CYS A 18 -6.02 -8.59 1.75
C CYS A 18 -5.89 -8.06 0.33
N HIS A 19 -4.66 -7.80 -0.12
CA HIS A 19 -4.38 -7.11 -1.38
C HIS A 19 -4.03 -8.11 -2.46
N SER A 20 -4.33 -7.73 -3.70
CA SER A 20 -3.74 -8.41 -4.85
C SER A 20 -2.61 -7.52 -5.37
N ASN A 21 -1.83 -8.08 -6.28
CA ASN A 21 -0.74 -7.30 -6.89
C ASN A 21 -0.34 -8.01 -8.19
N ASP A 22 -1.05 -7.69 -9.26
CA ASP A 22 -0.92 -8.45 -10.50
C ASP A 22 -1.43 -7.57 -11.64
N THR A 23 -1.34 -8.11 -12.86
CA THR A 23 -1.68 -7.31 -14.03
C THR A 23 -3.18 -7.29 -14.34
N THR A 24 -4.00 -7.97 -13.56
CA THR A 24 -5.37 -8.23 -13.98
C THR A 24 -6.31 -7.07 -13.71
N GLY A 25 -5.90 -6.08 -12.91
CA GLY A 25 -6.80 -5.00 -12.53
C GLY A 25 -7.85 -5.39 -11.49
N VAL A 26 -7.89 -6.65 -11.07
CA VAL A 26 -8.90 -7.18 -10.16
C VAL A 26 -8.39 -7.02 -8.74
N HIS A 27 -9.26 -6.58 -7.82
CA HIS A 27 -8.75 -6.31 -6.47
C HIS A 27 -8.66 -7.61 -5.66
N GLY A 28 -8.10 -7.50 -4.45
CA GLY A 28 -7.84 -8.67 -3.63
C GLY A 28 -9.07 -9.03 -2.84
N ALA A 29 -8.89 -9.99 -1.93
CA ALA A 29 -9.99 -10.46 -1.12
C ALA A 29 -10.61 -9.33 -0.30
N ALA A 30 -9.81 -8.32 0.08
CA ALA A 30 -10.32 -7.26 0.93
C ALA A 30 -9.79 -5.88 0.56
N ALA A 31 -8.87 -5.75 -0.40
CA ALA A 31 -8.09 -4.53 -0.56
C ALA A 31 -7.68 -4.37 -2.02
N PRO A 32 -7.35 -3.16 -2.44
CA PRO A 32 -7.10 -2.89 -3.86
C PRO A 32 -5.84 -3.58 -4.40
N ASN A 33 -5.85 -3.75 -5.71
CA ASN A 33 -4.66 -4.23 -6.40
C ASN A 33 -3.54 -3.21 -6.23
N LEU A 34 -2.37 -3.67 -5.78
CA LEU A 34 -1.25 -2.74 -5.57
C LEU A 34 -0.31 -2.67 -6.76
N HIS A 35 -0.62 -3.34 -7.87
CA HIS A 35 0.17 -3.16 -9.09
C HIS A 35 0.10 -1.71 -9.54
N GLY A 36 1.24 -1.11 -9.85
CA GLY A 36 1.23 0.29 -10.29
C GLY A 36 1.07 1.29 -9.16
N LEU A 37 1.36 0.89 -7.93
CA LEU A 37 1.11 1.74 -6.77
C LEU A 37 2.00 2.99 -6.75
N GLU A 38 3.29 2.83 -7.03
CA GLU A 38 4.23 3.93 -6.80
C GLU A 38 3.84 5.12 -7.67
N GLY A 39 3.62 6.27 -7.04
CA GLY A 39 3.26 7.47 -7.77
C GLY A 39 1.78 7.59 -8.09
N ARG A 40 0.96 6.60 -7.75
CA ARG A 40 -0.46 6.62 -8.07
C ARG A 40 -1.21 7.54 -7.12
N LYS A 41 -2.23 8.22 -7.62
CA LYS A 41 -3.06 9.03 -6.72
C LYS A 41 -3.77 8.14 -5.70
N VAL A 42 -3.79 8.60 -4.45
CA VAL A 42 -4.46 7.85 -3.39
C VAL A 42 -5.92 7.63 -3.73
N GLY A 43 -6.42 6.42 -3.48
CA GLY A 43 -7.85 6.11 -3.56
C GLY A 43 -8.43 6.38 -4.93
N SER A 44 -7.71 5.95 -5.99
CA SER A 44 -8.09 6.26 -7.35
C SER A 44 -8.12 5.05 -8.29
N VAL A 45 -7.52 3.93 -7.93
CA VAL A 45 -7.50 2.79 -8.85
C VAL A 45 -8.93 2.33 -9.07
N PRO A 46 -9.36 2.14 -10.31
CA PRO A 46 -10.79 1.94 -10.56
C PRO A 46 -11.27 0.61 -10.01
N GLY A 47 -12.54 0.62 -9.58
CA GLY A 47 -13.25 -0.58 -9.20
C GLY A 47 -13.14 -0.98 -7.75
N PHE A 48 -12.46 -0.21 -6.92
CA PHE A 48 -12.37 -0.50 -5.49
C PHE A 48 -13.10 0.61 -4.72
N LYS A 49 -13.92 0.22 -3.74
CA LYS A 49 -14.72 1.20 -3.00
C LYS A 49 -13.90 1.63 -1.79
N PHE A 50 -13.27 2.79 -1.90
CA PHE A 50 -12.44 3.30 -0.81
C PHE A 50 -13.27 3.95 0.30
N SER A 51 -12.68 4.04 1.50
CA SER A 51 -13.24 4.86 2.57
C SER A 51 -13.30 6.31 2.12
N SER A 52 -14.12 7.11 2.82
CA SER A 52 -14.28 8.50 2.44
C SER A 52 -12.95 9.23 2.45
N ALA A 53 -12.08 8.89 3.41
CA ALA A 53 -10.79 9.56 3.53
C ALA A 53 -9.96 9.37 2.27
N LEU A 54 -9.84 8.13 1.83
CA LEU A 54 -9.02 7.88 0.66
C LEU A 54 -9.76 8.26 -0.61
N ARG A 55 -11.08 8.07 -0.65
CA ARG A 55 -11.87 8.43 -1.83
C ARG A 55 -11.73 9.92 -2.12
N ASP A 56 -11.66 10.75 -1.09
CA ASP A 56 -11.67 12.20 -1.27
C ASP A 56 -10.27 12.81 -1.32
N SER A 57 -9.23 12.00 -1.18
CA SER A 57 -7.89 12.53 -1.06
C SER A 57 -7.33 12.96 -2.42
N GLY A 58 -6.58 14.05 -2.42
CA GLY A 58 -5.73 14.44 -3.54
C GLY A 58 -4.27 14.10 -3.37
N ASP A 59 -3.91 13.32 -2.35
CA ASP A 59 -2.51 12.94 -2.19
C ASP A 59 -2.08 11.91 -3.24
N THR A 60 -0.76 11.82 -3.42
CA THR A 60 -0.12 10.81 -4.26
C THR A 60 0.70 9.83 -3.42
N TRP A 61 0.75 8.56 -3.81
CA TRP A 61 1.56 7.57 -3.11
C TRP A 61 3.04 7.76 -3.50
N THR A 62 3.63 8.85 -2.99
CA THR A 62 5.07 9.01 -3.07
C THR A 62 5.74 8.04 -2.11
N PRO A 63 7.03 7.76 -2.29
CA PRO A 63 7.72 6.90 -1.30
C PRO A 63 7.61 7.44 0.11
N GLN A 64 7.67 8.76 0.26
CA GLN A 64 7.58 9.36 1.59
C GLN A 64 6.19 9.19 2.18
N HIS A 65 5.14 9.33 1.36
CA HIS A 65 3.77 9.20 1.86
C HIS A 65 3.46 7.74 2.19
N LEU A 66 3.95 6.83 1.36
CA LEU A 66 3.74 5.40 1.60
C LEU A 66 4.45 4.95 2.88
N ASP A 67 5.67 5.41 3.10
CA ASP A 67 6.40 5.05 4.31
C ASP A 67 5.65 5.48 5.58
N LYS A 68 5.15 6.72 5.63
CA LYS A 68 4.34 7.16 6.77
C LYS A 68 3.10 6.30 6.96
N PHE A 69 2.36 6.04 5.87
CA PHE A 69 1.14 5.23 5.95
C PHE A 69 1.44 3.81 6.41
N LEU A 70 2.49 3.18 5.86
CA LEU A 70 2.79 1.81 6.32
C LEU A 70 3.24 1.78 7.77
N GLU A 71 3.81 2.88 8.29
CA GLU A 71 4.26 2.88 9.69
C GLU A 71 3.08 2.91 10.65
N ASN A 72 2.03 3.62 10.28
CA ASN A 72 0.85 3.82 11.11
C ASN A 72 -0.30 4.30 10.23
N PRO A 73 -1.07 3.38 9.65
CA PRO A 73 -2.11 3.80 8.68
C PRO A 73 -3.10 4.82 9.25
N MET A 74 -3.60 4.60 10.47
CA MET A 74 -4.58 5.57 10.95
C MET A 74 -3.96 6.91 11.36
N ALA A 75 -2.63 7.00 11.48
CA ALA A 75 -2.06 8.33 11.75
C ALA A 75 -2.14 9.20 10.51
N VAL A 76 -2.25 8.58 9.35
CA VAL A 76 -2.29 9.28 8.08
C VAL A 76 -3.71 9.45 7.57
N TYR A 77 -4.52 8.40 7.72
CA TYR A 77 -5.91 8.40 7.27
C TYR A 77 -6.70 7.76 8.40
N PRO A 78 -7.04 8.53 9.43
CA PRO A 78 -7.67 7.95 10.64
C PRO A 78 -8.87 7.09 10.37
N LEU A 79 -9.67 7.42 9.36
CA LEU A 79 -10.90 6.72 9.09
C LEU A 79 -10.72 5.60 8.05
N THR A 80 -9.50 5.13 7.84
CA THR A 80 -9.25 4.11 6.81
C THR A 80 -9.87 2.77 7.19
N ARG A 81 -10.24 1.99 6.16
CA ARG A 81 -10.70 0.62 6.39
C ARG A 81 -9.58 -0.39 6.40
N MET A 82 -8.33 0.01 6.13
CA MET A 82 -7.16 -0.86 6.32
C MET A 82 -6.91 -1.20 7.78
N ALA A 83 -7.24 -2.44 8.17
CA ALA A 83 -7.09 -2.91 9.55
C ALA A 83 -5.69 -3.48 9.74
N PHE A 84 -4.71 -2.60 9.88
CA PHE A 84 -3.31 -2.99 9.92
C PHE A 84 -2.60 -2.11 10.94
N SER A 85 -1.92 -2.74 11.90
CA SER A 85 -1.24 -1.98 12.95
C SER A 85 -0.10 -1.15 12.42
N GLY A 86 0.58 -1.63 11.39
CA GLY A 86 1.69 -0.87 10.81
C GLY A 86 3.00 -1.61 10.92
N LEU A 87 3.94 -1.28 10.04
CA LEU A 87 5.28 -1.88 10.10
C LEU A 87 6.18 -0.92 10.88
N LYS A 88 6.53 -1.30 12.10
CA LYS A 88 7.29 -0.42 12.98
C LYS A 88 8.79 -0.49 12.77
N ASN A 89 9.26 -1.51 12.06
CA ASN A 89 10.66 -1.68 11.74
C ASN A 89 11.00 -0.94 10.44
N GLU A 90 11.93 0.03 10.52
CA GLU A 90 12.28 0.84 9.35
C GLU A 90 12.77 0.01 8.17
N LYS A 91 13.57 -1.03 8.45
CA LYS A 91 14.07 -1.88 7.38
C LYS A 91 12.93 -2.55 6.63
N ASP A 92 11.94 -3.06 7.37
CA ASP A 92 10.83 -3.75 6.72
C ASP A 92 10.01 -2.80 5.87
N ARG A 93 9.81 -1.54 6.32
CA ARG A 93 9.13 -0.56 5.48
C ARG A 93 9.89 -0.30 4.19
N ARG A 94 11.17 0.10 4.31
CA ARG A 94 11.99 0.36 3.14
C ARG A 94 12.04 -0.83 2.21
N ASP A 95 12.15 -2.05 2.77
CA ASP A 95 12.25 -3.23 1.92
C ASP A 95 10.96 -3.50 1.17
N VAL A 96 9.82 -3.44 1.85
CA VAL A 96 8.57 -3.69 1.14
C VAL A 96 8.30 -2.58 0.13
N LEU A 97 8.65 -1.34 0.46
CA LEU A 97 8.54 -0.26 -0.53
C LEU A 97 9.40 -0.57 -1.73
N CYS A 98 10.59 -1.11 -1.50
CA CYS A 98 11.49 -1.44 -2.58
C CYS A 98 10.87 -2.51 -3.47
N PHE A 99 10.33 -3.57 -2.85
CA PHE A 99 9.62 -4.62 -3.57
C PHE A 99 8.43 -4.07 -4.36
N LEU A 100 7.75 -3.05 -3.82
CA LEU A 100 6.59 -2.45 -4.48
C LEU A 100 6.97 -1.38 -5.51
N SER A 101 8.25 -1.15 -5.76
CA SER A 101 8.64 -0.10 -6.69
C SER A 101 8.36 -0.50 -8.13
N LYS A 102 8.16 0.51 -8.98
CA LYS A 102 7.94 0.27 -10.41
C LYS A 102 9.08 -0.55 -11.03
N SER A 103 10.32 -0.39 -10.52
CA SER A 103 11.47 -1.16 -10.97
C SER A 103 11.38 -2.64 -10.63
N SER A 104 10.42 -3.02 -9.79
CA SER A 104 10.18 -4.42 -9.45
C SER A 104 8.97 -4.95 -10.20
#